data_7ET5
#
_entry.id   7ET5
#
_cell.length_a   37.650
_cell.length_b   41.200
_cell.length_c   59.966
_cell.angle_alpha   90.000
_cell.angle_beta   90.000
_cell.angle_gamma   90.000
#
_symmetry.space_group_name_H-M   'P 21 21 21'
#
loop_
_entity.id
_entity.type
_entity.pdbx_description
1 polymer 'AP2/ERF and B3 domain-containing transcription repressor TEM1'
2 non-polymer 'SULFATE ION'
3 water water
#
_entity_poly.entity_id   1
_entity_poly.type   'polypeptide(L)'
_entity_poly.pdbx_seq_one_letter_code
;SSSVVLDSENGVETESRKLPSSKYKGVVPQPNGRWGAQIYEKHQRVWLGTFNEEEEAASSYDIAVRRFRGRDAVTNFKSQ
VDGNDAESAFLDAHSKAEIVDMLRKHTYADEFEQSRRKFVNG
;
_entity_poly.pdbx_strand_id   A
#
# COMPACT_ATOMS: atom_id res chain seq x y z
N SER A 21 8.67 11.68 -12.47
CA SER A 21 9.70 10.85 -13.10
C SER A 21 9.24 9.38 -13.06
N SER A 22 8.82 8.85 -11.88
CA SER A 22 8.39 7.46 -11.86
C SER A 22 7.20 7.32 -12.78
N LYS A 23 7.12 6.19 -13.45
CA LYS A 23 5.93 5.85 -14.21
C LYS A 23 4.81 5.32 -13.33
N TYR A 24 5.04 5.07 -12.05
CA TYR A 24 4.06 4.45 -11.20
C TYR A 24 3.15 5.48 -10.55
N LYS A 25 1.86 5.15 -10.49
CA LYS A 25 0.92 5.99 -9.79
C LYS A 25 1.30 6.05 -8.31
N GLY A 26 1.21 7.24 -7.74
CA GLY A 26 1.41 7.44 -6.33
C GLY A 26 2.85 7.64 -5.90
N VAL A 27 3.81 7.50 -6.80
CA VAL A 27 5.21 7.43 -6.42
C VAL A 27 5.89 8.75 -6.72
N VAL A 28 6.57 9.32 -5.73
CA VAL A 28 7.23 10.61 -5.88
C VAL A 28 8.67 10.51 -5.41
N PRO A 29 9.57 11.29 -5.98
CA PRO A 29 10.95 11.29 -5.48
C PRO A 29 11.03 11.84 -4.07
N GLN A 30 11.96 11.31 -3.30
CA GLN A 30 12.31 11.82 -1.99
C GLN A 30 13.82 11.92 -1.86
N PRO A 31 14.32 12.57 -0.82
CA PRO A 31 15.77 12.80 -0.74
C PRO A 31 16.58 11.52 -0.66
N ASN A 32 17.89 11.64 -0.98
CA ASN A 32 18.86 10.51 -0.88
C ASN A 32 18.45 9.39 -1.81
N GLY A 33 17.83 9.74 -2.94
CA GLY A 33 17.47 8.73 -3.89
C GLY A 33 16.31 7.85 -3.52
N ARG A 34 15.57 8.19 -2.46
CA ARG A 34 14.46 7.37 -2.00
C ARG A 34 13.18 7.81 -2.68
N TRP A 35 12.09 7.14 -2.29
CA TRP A 35 10.83 7.29 -2.98
C TRP A 35 9.73 7.39 -1.95
N GLY A 36 8.78 8.26 -2.18
CA GLY A 36 7.60 8.37 -1.36
C GLY A 36 6.39 7.82 -2.07
N ALA A 37 5.37 7.46 -1.30
CA ALA A 37 4.08 7.06 -1.83
C ALA A 37 3.00 7.97 -1.26
N GLN A 38 2.03 8.34 -2.10
CA GLN A 38 0.94 9.20 -1.69
C GLN A 38 -0.32 8.81 -2.45
N ILE A 39 -1.46 9.10 -1.86
CA ILE A 39 -2.76 8.91 -2.50
C ILE A 39 -3.59 10.14 -2.22
N TYR A 40 -4.42 10.55 -3.17
CA TYR A 40 -5.35 11.63 -2.98
C TYR A 40 -6.75 11.06 -2.96
N GLU A 41 -7.56 11.52 -2.01
CA GLU A 41 -8.98 11.22 -1.98
C GLU A 41 -9.74 12.53 -1.93
N LYS A 42 -10.52 12.81 -2.97
CA LYS A 42 -11.24 14.08 -3.07
C LYS A 42 -10.33 15.27 -2.76
N HIS A 43 -9.20 15.31 -3.43
CA HIS A 43 -8.23 16.37 -3.39
C HIS A 43 -7.55 16.49 -2.05
N GLN A 44 -7.65 15.48 -1.18
CA GLN A 44 -6.91 15.44 0.07
C GLN A 44 -5.76 14.46 -0.06
N ARG A 45 -4.54 14.95 0.07
CA ARG A 45 -3.37 14.08 0.06
C ARG A 45 -3.31 13.28 1.35
N VAL A 46 -2.89 12.02 1.22
CA VAL A 46 -2.56 11.14 2.32
C VAL A 46 -1.18 10.58 2.03
N TRP A 47 -0.24 10.82 2.93
CA TRP A 47 1.12 10.32 2.78
C TRP A 47 1.21 8.88 3.22
N LEU A 48 1.86 8.03 2.41
CA LEU A 48 1.88 6.60 2.65
C LEU A 48 3.24 6.09 3.07
N GLY A 49 4.26 6.93 3.15
CA GLY A 49 5.56 6.52 3.63
C GLY A 49 6.68 6.79 2.63
N THR A 50 7.90 6.52 3.13
CA THR A 50 9.14 6.67 2.37
C THR A 50 9.81 5.30 2.26
N PHE A 51 10.29 4.99 1.06
CA PHE A 51 10.74 3.65 0.70
C PHE A 51 12.07 3.74 -0.02
N ASN A 52 12.88 2.69 0.13
CA ASN A 52 14.17 2.67 -0.53
C ASN A 52 14.05 2.48 -2.03
N GLU A 53 13.08 1.66 -2.48
CA GLU A 53 13.03 1.27 -3.87
C GLU A 53 11.72 1.73 -4.53
N GLU A 54 11.83 2.00 -5.83
CA GLU A 54 10.72 2.56 -6.57
C GLU A 54 9.49 1.65 -6.53
N GLU A 55 9.70 0.36 -6.76
CA GLU A 55 8.59 -0.57 -6.79
C GLU A 55 7.99 -0.79 -5.41
N GLU A 56 8.78 -0.59 -4.35
CA GLU A 56 8.26 -0.67 -2.99
C GLU A 56 7.26 0.44 -2.76
N ALA A 57 7.60 1.66 -3.17
CA ALA A 57 6.66 2.75 -3.10
C ALA A 57 5.41 2.46 -3.93
N ALA A 58 5.59 1.92 -5.13
CA ALA A 58 4.44 1.64 -6.00
C ALA A 58 3.53 0.60 -5.36
N SER A 59 4.12 -0.39 -4.69
CA SER A 59 3.33 -1.44 -4.05
C SER A 59 2.58 -0.92 -2.84
N SER A 60 3.15 0.07 -2.16
CA SER A 60 2.47 0.71 -1.04
C SER A 60 1.28 1.53 -1.49
N TYR A 61 1.42 2.28 -2.58
CA TYR A 61 0.26 2.88 -3.21
C TYR A 61 -0.82 1.83 -3.52
N ASP A 62 -0.41 0.68 -4.09
CA ASP A 62 -1.40 -0.31 -4.48
C ASP A 62 -2.21 -0.79 -3.29
N ILE A 63 -1.56 -1.03 -2.15
CA ILE A 63 -2.27 -1.45 -0.95
C ILE A 63 -3.28 -0.39 -0.54
N ALA A 64 -2.85 0.87 -0.48
CA ALA A 64 -3.75 1.93 -0.08
C ALA A 64 -4.91 2.08 -1.04
N VAL A 65 -4.64 2.08 -2.35
CA VAL A 65 -5.74 2.31 -3.28
C VAL A 65 -6.75 1.16 -3.25
N ARG A 66 -6.27 -0.06 -3.06
CA ARG A 66 -7.20 -1.18 -2.92
C ARG A 66 -8.12 -0.97 -1.72
N ARG A 67 -7.55 -0.59 -0.58
CA ARG A 67 -8.36 -0.38 0.61
C ARG A 67 -9.26 0.85 0.48
N PHE A 68 -8.74 1.91 -0.12
CA PHE A 68 -9.50 3.15 -0.20
C PHE A 68 -10.61 3.08 -1.23
N ARG A 69 -10.37 2.40 -2.35
CA ARG A 69 -11.27 2.45 -3.50
C ARG A 69 -11.91 1.14 -3.87
N GLY A 70 -11.49 0.03 -3.28
CA GLY A 70 -12.16 -1.24 -3.51
C GLY A 70 -12.17 -1.60 -4.99
N ARG A 71 -13.35 -1.97 -5.50
CA ARG A 71 -13.48 -2.40 -6.88
C ARG A 71 -13.15 -1.29 -7.88
N ASP A 72 -13.10 -0.03 -7.44
CA ASP A 72 -12.73 1.08 -8.31
C ASP A 72 -11.22 1.32 -8.34
N ALA A 73 -10.44 0.53 -7.63
CA ALA A 73 -9.00 0.75 -7.55
C ALA A 73 -8.31 0.34 -8.84
N VAL A 74 -7.37 1.16 -9.28
CA VAL A 74 -6.48 0.84 -10.40
C VAL A 74 -5.07 0.82 -9.83
N THR A 75 -4.42 -0.34 -9.90
CA THR A 75 -3.13 -0.55 -9.24
C THR A 75 -1.99 -0.56 -10.24
N ASN A 76 -0.80 -0.34 -9.69
CA ASN A 76 0.42 -0.45 -10.48
C ASN A 76 0.71 -1.89 -10.89
N PHE A 77 0.53 -2.82 -9.95
CA PHE A 77 0.82 -4.23 -10.17
C PHE A 77 -0.39 -5.07 -9.83
N LYS A 78 -0.43 -6.30 -10.36
CA LYS A 78 -1.45 -7.30 -9.94
C LYS A 78 -0.99 -7.84 -8.57
N SER A 79 -1.95 -8.11 -7.66
CA SER A 79 -1.65 -8.68 -6.32
C SER A 79 -1.06 -10.10 -6.42
N GLN A 80 -0.02 -10.47 -5.66
CA GLN A 80 0.64 -11.80 -5.70
C GLN A 80 0.32 -12.64 -4.46
N VAL A 81 -0.45 -12.11 -3.51
CA VAL A 81 -0.65 -12.81 -2.21
C VAL A 81 -2.15 -12.87 -1.91
N ASP A 82 -3.01 -12.80 -2.93
CA ASP A 82 -4.48 -12.77 -2.74
C ASP A 82 -5.15 -13.95 -3.44
N GLY A 83 -4.43 -15.03 -3.74
CA GLY A 83 -5.04 -16.21 -4.40
C GLY A 83 -6.08 -16.84 -3.53
N ASN A 84 -5.95 -16.78 -2.19
CA ASN A 84 -6.91 -17.36 -1.21
C ASN A 84 -7.72 -16.26 -0.53
N ASP A 85 -7.77 -15.05 -1.12
CA ASP A 85 -8.49 -13.93 -0.53
C ASP A 85 -7.84 -13.43 0.75
N ALA A 86 -6.65 -13.94 1.10
CA ALA A 86 -6.07 -13.59 2.39
C ALA A 86 -5.77 -12.10 2.48
N GLU A 87 -5.25 -11.52 1.40
CA GLU A 87 -4.91 -10.12 1.46
C GLU A 87 -6.16 -9.25 1.45
N SER A 88 -7.17 -9.59 0.63
CA SER A 88 -8.42 -8.85 0.65
C SER A 88 -9.04 -8.87 2.04
N ALA A 89 -9.02 -10.04 2.70
CA ALA A 89 -9.55 -10.13 4.06
C ALA A 89 -8.75 -9.25 5.01
N PHE A 90 -7.43 -9.24 4.85
CA PHE A 90 -6.58 -8.43 5.71
C PHE A 90 -6.88 -6.95 5.54
N LEU A 91 -7.02 -6.49 4.30
CA LEU A 91 -7.34 -5.09 4.08
C LEU A 91 -8.70 -4.75 4.68
N ASP A 92 -9.67 -5.65 4.49
CA ASP A 92 -11.02 -5.43 4.98
C ASP A 92 -11.15 -5.53 6.49
N ALA A 93 -10.13 -6.02 7.16
CA ALA A 93 -10.10 -6.14 8.59
C ALA A 93 -9.73 -4.83 9.26
N HIS A 94 -9.28 -3.84 8.50
CA HIS A 94 -8.71 -2.63 9.06
C HIS A 94 -9.41 -1.36 8.59
N SER A 95 -9.28 -0.32 9.41
CA SER A 95 -9.64 1.01 8.98
C SER A 95 -8.62 1.53 7.97
N LYS A 96 -9.02 2.56 7.21
CA LYS A 96 -8.06 3.25 6.35
C LYS A 96 -6.86 3.73 7.15
N ALA A 97 -7.09 4.35 8.31
CA ALA A 97 -5.98 4.90 9.08
C ALA A 97 -5.01 3.82 9.53
N GLU A 98 -5.52 2.65 9.89
CA GLU A 98 -4.67 1.55 10.31
C GLU A 98 -3.80 1.05 9.16
N ILE A 99 -4.36 0.95 7.96
CA ILE A 99 -3.57 0.56 6.80
C ILE A 99 -2.48 1.59 6.52
N VAL A 100 -2.82 2.88 6.54
CA VAL A 100 -1.83 3.92 6.30
C VAL A 100 -0.70 3.81 7.31
N ASP A 101 -1.03 3.61 8.59
CA ASP A 101 0.00 3.49 9.61
C ASP A 101 0.92 2.31 9.35
N MET A 102 0.34 1.15 9.02
CA MET A 102 1.15 -0.06 8.73
C MET A 102 2.08 0.26 7.58
N LEU A 103 1.60 0.91 6.51
CA LEU A 103 2.44 1.21 5.35
C LEU A 103 3.61 2.12 5.76
N ARG A 104 3.30 3.18 6.47
CA ARG A 104 4.35 4.16 6.88
C ARG A 104 5.39 3.53 7.81
N LYS A 105 4.96 2.65 8.70
CA LYS A 105 5.84 2.00 9.66
C LYS A 105 6.60 0.85 9.05
N HIS A 106 6.30 0.46 7.82
CA HIS A 106 6.93 -0.67 7.16
C HIS A 106 6.61 -1.98 7.89
N THR A 107 5.44 -2.04 8.55
CA THR A 107 5.01 -3.26 9.24
C THR A 107 3.93 -4.02 8.49
N TYR A 108 3.38 -3.45 7.43
CA TYR A 108 2.30 -4.10 6.71
C TYR A 108 2.66 -5.53 6.33
N ALA A 109 3.81 -5.73 5.71
CA ALA A 109 4.14 -7.07 5.22
C ALA A 109 4.24 -8.09 6.35
N ASP A 110 4.88 -7.71 7.46
CA ASP A 110 5.04 -8.64 8.58
C ASP A 110 3.72 -8.92 9.26
N GLU A 111 2.87 -7.90 9.40
CA GLU A 111 1.56 -8.13 10.01
C GLU A 111 0.67 -8.98 9.13
N PHE A 112 0.71 -8.75 7.82
CA PHE A 112 -0.04 -9.60 6.90
C PHE A 112 0.43 -11.04 7.00
N GLU A 113 1.74 -11.26 7.00
CA GLU A 113 2.24 -12.63 7.11
C GLU A 113 1.79 -13.27 8.42
N GLN A 114 1.83 -12.54 9.52
CA GLN A 114 1.34 -13.09 10.79
C GLN A 114 -0.12 -13.50 10.68
N SER A 115 -0.92 -12.73 9.95
CA SER A 115 -2.34 -13.05 9.77
C SER A 115 -2.55 -14.33 8.98
N ARG A 116 -1.52 -14.81 8.28
CA ARG A 116 -1.60 -16.05 7.53
C ARG A 116 -1.13 -17.25 8.34
N ARG A 117 -0.60 -17.04 9.55
CA ARG A 117 -0.14 -18.15 10.36
C ARG A 117 -1.30 -19.04 10.74
N LYS A 118 -1.06 -20.34 10.63
CA LYS A 118 -2.13 -21.31 10.81
C LYS A 118 -2.13 -21.78 12.25
N PHE A 119 -3.29 -21.77 12.88
CA PHE A 119 -3.47 -22.27 14.27
C PHE A 119 -4.64 -23.25 14.22
#